data_7Z5F
#
_entry.id   7Z5F
#
_cell.length_a   1.00
_cell.length_b   1.00
_cell.length_c   1.00
_cell.angle_alpha   90.00
_cell.angle_beta   90.00
_cell.angle_gamma   90.00
#
_symmetry.space_group_name_H-M   'P 1'
#
_entity_poly.entity_id   1
_entity_poly.type   'polypeptide(L)'
_entity_poly.pdbx_seq_one_letter_code
;MSDGTSQPDSGNAVHSAARVERAADGPGGSGGGGSGGGGVGVSTGSYDNQTHYRALGDGWVEITALATRLVHLNMPKSEN
YCRIRVHNTTDTSVKGNMAKDDAHEQIWTPWSLVDANAWGVWLQPSDWQYICNTMSQLNLVSLDQEIFNVVLKTVTEQDL
GGQAIKIYNNDLTACMMVAVDSNNILPYTPAANSMETLGFYPWKPTIASPYRYYFCVDRDLSVTYENQEGTVEHNVMGTP
KGMNSQFFTIENTQQITLLRTGDEFATGTYYFDTNPVKLTHTWQTNRQLGQPPLLSTFPEADTDAGTLTAQGSRHGTTQM
GVNWVSEAIRTRPAQVGFCQPHNDFEASRAGPFAAPKVPADITQGVDKEANGSVRYSYGKQHGENWASHGPAPERYTWDE
TSFGSGRDTKDGFIQSAPLVVPPPLNGILTNANPIGTKNDIHFSNVFNSYGPLTAFSHPSPVYPQGQIWDKELDLEHKPR
LHITAPFVCKNNAPGQMLVRLGPNLTDQYDPNGATLSRIVTYGTFFWKGKLTMRAKLRANTTWNPVYQVSAEDNGNSYMS
VTKWLPTATGNMQSVPLITRPVARNTY
;
_entity_poly.pdbx_strand_id   A
#
# COMPACT_ATOMS: atom_id res chain seq x y z
N GLY A 39 -9.96 -36.59 14.91
CA GLY A 39 -10.96 -37.35 14.17
C GLY A 39 -11.60 -36.54 13.07
N VAL A 40 -12.44 -37.18 12.27
CA VAL A 40 -13.03 -36.56 11.09
C VAL A 40 -14.34 -35.84 11.40
N GLY A 41 -14.91 -36.08 12.57
CA GLY A 41 -16.23 -35.56 12.86
C GLY A 41 -16.28 -34.53 13.96
N VAL A 42 -15.12 -34.09 14.44
CA VAL A 42 -15.05 -33.08 15.49
C VAL A 42 -14.33 -31.86 14.92
N SER A 43 -14.71 -30.69 15.40
CA SER A 43 -14.15 -29.43 14.93
C SER A 43 -12.93 -29.07 15.76
N THR A 44 -12.01 -28.34 15.14
CA THR A 44 -10.74 -28.05 15.80
C THR A 44 -10.46 -26.55 15.91
N GLY A 45 -11.49 -25.76 16.14
CA GLY A 45 -11.29 -24.35 16.37
C GLY A 45 -12.61 -23.63 16.55
N SER A 46 -12.50 -22.30 16.70
CA SER A 46 -13.65 -21.45 16.99
C SER A 46 -13.59 -20.21 16.10
N TYR A 47 -14.71 -19.89 15.48
CA TYR A 47 -14.85 -18.63 14.77
C TYR A 47 -14.81 -17.46 15.75
N ASP A 48 -13.93 -16.50 15.47
CA ASP A 48 -13.85 -15.31 16.30
C ASP A 48 -13.49 -14.14 15.41
N ASN A 49 -14.22 -13.03 15.56
CA ASN A 49 -13.96 -11.87 14.73
C ASN A 49 -14.02 -10.55 15.50
N GLN A 50 -14.10 -10.57 16.83
CA GLN A 50 -14.34 -9.37 17.60
C GLN A 50 -13.06 -8.56 17.74
N THR A 51 -13.21 -7.26 17.96
CA THR A 51 -12.10 -6.40 18.31
C THR A 51 -12.27 -5.95 19.75
N HIS A 52 -11.24 -6.13 20.56
CA HIS A 52 -11.30 -5.91 22.00
C HIS A 52 -10.38 -4.75 22.36
N TYR A 53 -10.97 -3.65 22.80
CA TYR A 53 -10.18 -2.54 23.31
C TYR A 53 -9.97 -2.70 24.81
N ARG A 54 -8.72 -2.53 25.24
CA ARG A 54 -8.36 -2.68 26.64
C ARG A 54 -7.46 -1.53 27.05
N ALA A 55 -8.00 -0.62 27.88
CA ALA A 55 -7.24 0.53 28.34
C ALA A 55 -6.35 0.11 29.49
N LEU A 56 -5.03 0.14 29.28
CA LEU A 56 -4.06 -0.31 30.27
C LEU A 56 -3.03 0.81 30.48
N GLY A 57 -2.93 1.28 31.72
CA GLY A 57 -1.91 2.24 32.07
C GLY A 57 -2.42 3.65 31.89
N ASP A 58 -1.47 4.58 31.77
CA ASP A 58 -1.74 6.02 31.77
C ASP A 58 -2.10 6.46 30.35
N GLY A 59 -3.26 6.02 29.88
CA GLY A 59 -3.76 6.47 28.59
C GLY A 59 -3.34 5.62 27.41
N TRP A 60 -3.17 4.32 27.60
CA TRP A 60 -2.77 3.40 26.54
C TRP A 60 -3.82 2.31 26.39
N VAL A 61 -4.31 2.14 25.17
CA VAL A 61 -5.31 1.14 24.85
C VAL A 61 -4.62 -0.02 24.14
N GLU A 62 -5.05 -1.25 24.47
CA GLU A 62 -4.56 -2.46 23.80
C GLU A 62 -5.66 -2.98 22.90
N ILE A 63 -5.58 -2.67 21.62
CA ILE A 63 -6.52 -3.15 20.63
C ILE A 63 -6.16 -4.60 20.28
N THR A 64 -7.15 -5.48 20.24
CA THR A 64 -6.93 -6.89 19.95
C THR A 64 -7.83 -7.28 18.78
N ALA A 65 -7.34 -7.06 17.56
CA ALA A 65 -8.15 -7.34 16.39
C ALA A 65 -8.09 -8.82 16.06
N LEU A 66 -9.23 -9.38 15.68
CA LEU A 66 -9.35 -10.78 15.34
C LEU A 66 -9.99 -10.90 13.96
N ALA A 67 -9.54 -11.88 13.19
CA ALA A 67 -10.06 -12.06 11.85
C ALA A 67 -10.16 -13.55 11.54
N THR A 68 -11.34 -14.00 11.15
CA THR A 68 -11.56 -15.39 10.78
C THR A 68 -12.25 -15.42 9.42
N ARG A 69 -11.66 -16.15 8.48
CA ARG A 69 -12.25 -16.32 7.15
C ARG A 69 -12.29 -17.79 6.77
N LEU A 70 -13.07 -18.07 5.73
CA LEU A 70 -13.14 -19.39 5.13
C LEU A 70 -12.42 -19.30 3.78
N VAL A 71 -11.17 -19.77 3.77
CA VAL A 71 -10.37 -19.71 2.56
C VAL A 71 -10.70 -20.92 1.68
N HIS A 72 -10.82 -20.67 0.39
CA HIS A 72 -11.20 -21.68 -0.60
C HIS A 72 -9.98 -21.99 -1.46
N LEU A 73 -9.29 -23.06 -1.13
CA LEU A 73 -8.08 -23.48 -1.83
C LEU A 73 -8.44 -24.42 -2.97
N ASN A 74 -8.25 -23.96 -4.20
CA ASN A 74 -8.44 -24.79 -5.38
C ASN A 74 -7.11 -25.46 -5.73
N MET A 75 -7.19 -26.50 -6.53
CA MET A 75 -5.99 -27.22 -6.92
C MET A 75 -5.16 -26.37 -7.88
N PRO A 76 -3.83 -26.50 -7.87
CA PRO A 76 -3.00 -25.65 -8.73
C PRO A 76 -3.18 -25.99 -10.21
N LYS A 77 -2.80 -25.03 -11.06
CA LYS A 77 -2.93 -25.20 -12.50
C LYS A 77 -2.00 -26.30 -13.01
N SER A 78 -0.80 -26.37 -12.46
CA SER A 78 0.12 -27.46 -12.73
C SER A 78 0.97 -27.69 -11.48
N GLU A 79 1.51 -28.90 -11.37
CA GLU A 79 2.31 -29.29 -10.21
C GLU A 79 3.79 -28.98 -10.39
N ASN A 80 4.13 -28.12 -11.35
CA ASN A 80 5.52 -27.83 -11.68
C ASN A 80 5.84 -26.37 -11.39
N TYR A 81 7.07 -26.13 -10.97
CA TYR A 81 7.59 -24.77 -10.89
C TYR A 81 8.00 -24.32 -12.29
N CYS A 82 7.37 -23.27 -12.80
CA CYS A 82 7.59 -22.86 -14.17
C CYS A 82 8.07 -21.42 -14.22
N ARG A 83 9.02 -21.15 -15.12
CA ARG A 83 9.62 -19.83 -15.29
C ARG A 83 8.93 -19.16 -16.47
N ILE A 84 7.87 -18.40 -16.20
CA ILE A 84 7.08 -17.81 -17.26
C ILE A 84 7.57 -16.40 -17.56
N ARG A 85 7.46 -16.00 -18.83
CA ARG A 85 7.96 -14.72 -19.31
C ARG A 85 6.81 -13.90 -19.86
N VAL A 86 6.71 -12.64 -19.42
CA VAL A 86 5.72 -11.70 -19.93
C VAL A 86 6.45 -10.65 -20.75
N HIS A 87 5.99 -10.43 -21.97
CA HIS A 87 6.62 -9.47 -22.89
C HIS A 87 5.50 -8.91 -23.78
N ASN A 88 4.99 -7.74 -23.38
CA ASN A 88 3.90 -7.10 -24.12
C ASN A 88 4.51 -6.25 -25.24
N THR A 89 4.73 -6.89 -26.38
CA THR A 89 5.26 -6.16 -27.53
C THR A 89 4.20 -5.29 -28.18
N THR A 90 2.92 -5.59 -27.93
CA THR A 90 1.84 -4.79 -28.52
C THR A 90 1.76 -3.42 -27.89
N ASP A 91 2.21 -3.29 -26.64
CA ASP A 91 2.29 -1.97 -26.02
C ASP A 91 3.62 -1.29 -26.34
N THR A 92 4.73 -1.96 -26.02
CA THR A 92 6.03 -1.29 -26.08
C THR A 92 6.54 -1.14 -27.51
N SER A 93 5.90 -1.81 -28.48
CA SER A 93 6.27 -1.60 -29.87
C SER A 93 5.81 -0.23 -30.37
N VAL A 94 4.70 0.26 -29.81
CA VAL A 94 4.25 1.61 -30.12
C VAL A 94 5.19 2.62 -29.49
N LYS A 95 5.59 3.61 -30.28
CA LYS A 95 6.57 4.58 -29.80
C LYS A 95 5.93 5.54 -28.80
N GLY A 96 6.52 5.60 -27.60
CA GLY A 96 5.98 6.42 -26.54
C GLY A 96 5.37 5.67 -25.39
N ASN A 97 5.47 4.34 -25.37
CA ASN A 97 4.80 3.52 -24.37
C ASN A 97 5.78 2.88 -23.39
N MET A 98 6.80 3.62 -22.94
CA MET A 98 7.74 3.07 -21.97
C MET A 98 7.11 2.94 -20.59
N ALA A 99 6.08 3.74 -20.30
CA ALA A 99 5.41 3.63 -19.01
C ALA A 99 4.42 2.48 -18.99
N LYS A 100 4.01 2.01 -20.17
CA LYS A 100 3.11 0.87 -20.27
C LYS A 100 3.84 -0.47 -20.23
N ASP A 101 5.14 -0.46 -19.95
CA ASP A 101 5.91 -1.69 -19.91
C ASP A 101 5.62 -2.48 -18.63
N ASP A 102 5.27 -3.75 -18.79
CA ASP A 102 5.29 -4.70 -17.68
C ASP A 102 5.94 -6.02 -18.09
N ALA A 103 7.04 -5.95 -18.84
CA ALA A 103 7.73 -7.16 -19.27
C ALA A 103 8.68 -7.63 -18.18
N HIS A 104 8.61 -8.91 -17.84
CA HIS A 104 9.40 -9.49 -16.77
C HIS A 104 9.40 -11.00 -16.92
N GLU A 105 10.02 -11.66 -15.94
CA GLU A 105 9.90 -13.11 -15.79
C GLU A 105 9.58 -13.44 -14.34
N GLN A 106 8.73 -14.43 -14.14
CA GLN A 106 8.37 -14.85 -12.80
C GLN A 106 8.41 -16.37 -12.70
N ILE A 107 8.86 -16.84 -11.55
CA ILE A 107 8.74 -18.23 -11.16
C ILE A 107 7.36 -18.39 -10.52
N TRP A 108 6.54 -19.25 -11.11
CA TRP A 108 5.17 -19.49 -10.68
C TRP A 108 5.16 -20.78 -9.88
N THR A 109 4.92 -20.67 -8.57
CA THR A 109 4.93 -21.82 -7.70
C THR A 109 3.53 -22.43 -7.63
N PRO A 110 3.42 -23.73 -7.34
CA PRO A 110 2.09 -24.32 -7.12
C PRO A 110 1.46 -23.98 -5.78
N TRP A 111 2.11 -23.16 -4.96
CA TRP A 111 1.62 -22.85 -3.62
C TRP A 111 0.82 -21.54 -3.65
N SER A 112 -0.16 -21.45 -2.76
CA SER A 112 -0.99 -20.28 -2.63
C SER A 112 -0.70 -19.56 -1.33
N LEU A 113 -0.91 -18.24 -1.33
CA LEU A 113 -0.48 -17.37 -0.25
C LEU A 113 -1.68 -16.94 0.59
N VAL A 114 -1.60 -17.18 1.90
CA VAL A 114 -2.59 -16.65 2.84
C VAL A 114 -1.96 -15.38 3.41
N ASP A 115 -2.19 -14.27 2.72
CA ASP A 115 -1.55 -13.01 3.07
C ASP A 115 -2.60 -12.07 3.65
N ALA A 116 -2.37 -11.59 4.86
CA ALA A 116 -3.40 -10.88 5.61
C ALA A 116 -3.05 -9.43 5.95
N ASN A 117 -1.94 -8.89 5.43
CA ASN A 117 -1.58 -7.52 5.79
C ASN A 117 -2.36 -6.55 4.90
N ALA A 118 -3.58 -6.29 5.33
CA ALA A 118 -4.36 -5.15 4.89
C ALA A 118 -5.23 -4.76 6.06
N TRP A 119 -5.57 -3.48 6.16
CA TRP A 119 -6.28 -2.99 7.35
C TRP A 119 -7.72 -3.47 7.37
N GLY A 120 -8.30 -3.76 6.21
CA GLY A 120 -9.70 -4.14 6.15
C GLY A 120 -9.97 -5.56 6.62
N VAL A 121 -8.92 -6.38 6.71
CA VAL A 121 -9.07 -7.76 7.15
C VAL A 121 -9.47 -7.83 8.61
N TRP A 122 -8.87 -6.97 9.44
CA TRP A 122 -8.94 -7.08 10.89
C TRP A 122 -10.03 -6.21 11.49
N LEU A 123 -10.26 -5.03 10.93
CA LEU A 123 -11.10 -4.02 11.55
C LEU A 123 -12.32 -3.72 10.69
N GLN A 124 -13.45 -3.48 11.34
CA GLN A 124 -14.63 -2.96 10.68
C GLN A 124 -14.50 -1.44 10.56
N PRO A 125 -15.27 -0.80 9.66
CA PRO A 125 -15.14 0.67 9.51
C PRO A 125 -15.47 1.48 10.75
N SER A 126 -16.34 0.97 11.63
CA SER A 126 -16.61 1.66 12.89
C SER A 126 -15.39 1.62 13.80
N ASP A 127 -14.65 0.52 13.78
CA ASP A 127 -13.43 0.40 14.56
C ASP A 127 -12.35 1.35 14.07
N TRP A 128 -12.22 1.50 12.75
CA TRP A 128 -11.25 2.43 12.19
C TRP A 128 -11.63 3.86 12.50
N GLN A 129 -12.93 4.17 12.44
CA GLN A 129 -13.38 5.53 12.76
C GLN A 129 -13.15 5.86 14.22
N TYR A 130 -13.42 4.91 15.13
CA TYR A 130 -13.21 5.14 16.55
C TYR A 130 -11.72 5.26 16.87
N ILE A 131 -10.88 4.47 16.22
CA ILE A 131 -9.44 4.54 16.49
C ILE A 131 -8.85 5.84 15.96
N CYS A 132 -9.26 6.25 14.75
CA CYS A 132 -8.70 7.45 14.17
C CYS A 132 -9.23 8.72 14.84
N ASN A 133 -10.43 8.67 15.42
CA ASN A 133 -10.91 9.84 16.14
C ASN A 133 -10.36 9.90 17.56
N THR A 134 -10.26 8.75 18.22
CA THR A 134 -10.06 8.69 19.66
C THR A 134 -8.58 8.52 20.02
N MET A 135 -7.80 7.88 19.16
CA MET A 135 -6.39 7.67 19.47
C MET A 135 -5.51 8.70 18.77
N SER A 136 -4.28 8.81 19.26
CA SER A 136 -3.30 9.77 18.78
C SER A 136 -2.14 9.12 18.03
N GLN A 137 -1.85 7.86 18.28
CA GLN A 137 -0.84 7.12 17.52
C GLN A 137 -1.18 5.64 17.59
N LEU A 138 -0.64 4.88 16.64
CA LEU A 138 -0.86 3.45 16.57
C LEU A 138 0.47 2.72 16.44
N ASN A 139 0.53 1.53 17.01
CA ASN A 139 1.73 0.70 16.97
C ASN A 139 1.33 -0.76 16.98
N LEU A 140 2.09 -1.59 16.26
CA LEU A 140 1.82 -3.01 16.19
C LEU A 140 2.60 -3.76 17.26
N VAL A 141 1.96 -4.79 17.82
CA VAL A 141 2.54 -5.51 18.94
C VAL A 141 2.86 -6.96 18.55
N SER A 142 1.86 -7.71 18.09
CA SER A 142 2.04 -9.14 17.90
C SER A 142 1.02 -9.71 16.91
N LEU A 143 1.25 -10.94 16.46
CA LEU A 143 0.43 -11.57 15.43
C LEU A 143 0.42 -13.08 15.62
N ASP A 144 -0.74 -13.62 16.00
CA ASP A 144 -0.99 -15.06 16.08
C ASP A 144 -1.73 -15.50 14.84
N GLN A 145 -1.41 -16.70 14.32
CA GLN A 145 -2.17 -17.18 13.16
C GLN A 145 -2.45 -18.67 13.30
N GLU A 146 -3.52 -19.11 12.63
CA GLU A 146 -4.07 -20.44 12.85
C GLU A 146 -4.82 -20.90 11.60
N ILE A 147 -4.79 -22.20 11.38
CA ILE A 147 -5.55 -22.85 10.30
C ILE A 147 -6.27 -24.03 10.96
N PHE A 148 -7.57 -24.08 10.81
CA PHE A 148 -8.37 -25.16 11.38
C PHE A 148 -9.56 -25.46 10.47
N ASN A 149 -10.28 -26.52 10.84
CA ASN A 149 -11.49 -26.99 10.14
C ASN A 149 -11.22 -27.25 8.67
N VAL A 150 -10.25 -28.13 8.40
CA VAL A 150 -9.86 -28.43 7.04
C VAL A 150 -10.86 -29.39 6.41
N VAL A 151 -11.24 -29.12 5.17
CA VAL A 151 -12.17 -29.95 4.42
C VAL A 151 -11.64 -30.08 3.01
N LEU A 152 -11.49 -31.32 2.53
CA LEU A 152 -11.09 -31.56 1.14
C LEU A 152 -12.15 -32.40 0.45
N LYS A 153 -12.51 -32.00 -0.75
CA LYS A 153 -13.61 -32.61 -1.49
C LYS A 153 -13.19 -32.82 -2.94
N THR A 154 -13.58 -33.97 -3.50
CA THR A 154 -13.31 -34.31 -4.88
C THR A 154 -14.61 -34.28 -5.68
N VAL A 155 -14.53 -33.94 -6.96
CA VAL A 155 -15.71 -33.83 -7.80
C VAL A 155 -15.75 -35.02 -8.76
N THR A 156 -16.96 -35.39 -9.15
CA THR A 156 -17.24 -36.52 -10.03
C THR A 156 -18.39 -36.08 -10.94
N GLU A 157 -18.72 -36.86 -11.95
CA GLU A 157 -19.80 -36.54 -12.88
C GLU A 157 -20.89 -37.60 -12.82
N GLN A 158 -22.14 -37.16 -12.97
CA GLN A 158 -23.29 -38.05 -13.17
C GLN A 158 -24.15 -37.50 -14.30
N ASP A 159 -24.98 -38.34 -14.90
CA ASP A 159 -25.81 -37.84 -15.98
C ASP A 159 -27.10 -37.20 -15.47
N LEU A 160 -28.02 -38.02 -14.95
CA LEU A 160 -29.27 -37.65 -14.24
C LEU A 160 -30.29 -37.00 -15.18
N GLY A 161 -29.91 -36.50 -16.35
CA GLY A 161 -30.88 -35.99 -17.30
C GLY A 161 -30.40 -36.11 -18.73
N GLY A 162 -29.26 -36.76 -18.92
CA GLY A 162 -28.52 -36.67 -20.16
C GLY A 162 -27.52 -35.54 -20.20
N GLN A 163 -27.63 -34.56 -19.31
CA GLN A 163 -26.68 -33.46 -19.18
C GLN A 163 -25.95 -33.61 -17.85
N ALA A 164 -24.64 -33.84 -17.91
CA ALA A 164 -23.87 -34.25 -16.75
C ALA A 164 -23.73 -33.13 -15.74
N ILE A 165 -23.85 -33.49 -14.46
CA ILE A 165 -23.72 -32.58 -13.33
C ILE A 165 -22.60 -33.09 -12.44
N LYS A 166 -22.06 -32.18 -11.62
CA LYS A 166 -20.98 -32.53 -10.72
C LYS A 166 -21.52 -33.00 -9.38
N ILE A 167 -20.84 -33.98 -8.80
CA ILE A 167 -21.12 -34.48 -7.46
C ILE A 167 -19.87 -34.26 -6.62
N TYR A 168 -20.03 -33.62 -5.47
CA TYR A 168 -18.91 -33.21 -4.64
C TYR A 168 -18.81 -34.16 -3.47
N ASN A 169 -18.05 -35.24 -3.63
CA ASN A 169 -17.83 -36.23 -2.59
C ASN A 169 -16.85 -35.68 -1.56
N ASN A 170 -16.48 -36.51 -0.60
CA ASN A 170 -15.61 -36.09 0.49
C ASN A 170 -14.38 -37.00 0.53
N ASP A 171 -13.22 -36.40 0.70
CA ASP A 171 -11.96 -37.12 0.79
C ASP A 171 -11.44 -37.00 2.21
N LEU A 172 -11.61 -38.07 3.00
CA LEU A 172 -11.23 -38.05 4.39
C LEU A 172 -9.75 -38.34 4.61
N THR A 173 -9.02 -38.73 3.56
CA THR A 173 -7.62 -39.07 3.68
C THR A 173 -6.69 -38.13 2.93
N ALA A 174 -7.20 -37.30 2.04
CA ALA A 174 -6.37 -36.33 1.37
C ALA A 174 -6.06 -35.16 2.30
N CYS A 175 -4.87 -34.60 2.16
CA CYS A 175 -4.37 -33.58 3.06
C CYS A 175 -4.05 -32.31 2.28
N MET A 176 -3.71 -31.26 3.01
CA MET A 176 -3.22 -30.03 2.39
C MET A 176 -1.93 -29.61 3.11
N MET A 177 -1.03 -28.99 2.35
CA MET A 177 0.32 -28.71 2.80
C MET A 177 0.44 -27.25 3.21
N VAL A 178 0.99 -27.01 4.39
CA VAL A 178 1.10 -25.68 4.98
C VAL A 178 2.55 -25.44 5.38
N ALA A 179 3.10 -24.29 4.99
CA ALA A 179 4.46 -23.92 5.37
C ALA A 179 4.50 -22.44 5.71
N VAL A 180 5.03 -22.09 6.88
CA VAL A 180 5.22 -20.71 7.27
C VAL A 180 6.69 -20.36 7.09
N ASP A 181 6.97 -19.33 6.30
CA ASP A 181 8.35 -18.94 5.99
C ASP A 181 8.86 -17.94 7.03
N SER A 182 9.01 -18.45 8.26
CA SER A 182 9.30 -17.57 9.40
C SER A 182 10.72 -17.02 9.36
N ASN A 183 11.61 -17.66 8.61
CA ASN A 183 12.97 -17.17 8.44
C ASN A 183 13.15 -16.33 7.19
N ASN A 184 12.09 -16.23 6.37
CA ASN A 184 12.05 -15.42 5.14
C ASN A 184 13.15 -15.80 4.16
N ILE A 185 13.27 -17.10 3.88
CA ILE A 185 14.18 -17.57 2.83
C ILE A 185 13.65 -17.16 1.47
N LEU A 186 12.35 -17.37 1.26
CA LEU A 186 11.70 -17.11 -0.01
C LEU A 186 11.55 -15.61 -0.21
N PRO A 187 11.35 -15.16 -1.45
CA PRO A 187 11.12 -13.72 -1.68
C PRO A 187 9.81 -13.24 -1.07
N TYR A 188 9.85 -12.00 -0.57
CA TYR A 188 8.70 -11.40 0.11
C TYR A 188 7.80 -10.77 -0.94
N THR A 189 6.70 -11.46 -1.25
CA THR A 189 5.70 -10.95 -2.19
C THR A 189 4.42 -10.66 -1.42
N PRO A 190 4.15 -9.40 -1.07
CA PRO A 190 2.88 -9.08 -0.42
C PRO A 190 1.74 -9.14 -1.43
N ALA A 191 0.61 -9.72 -1.02
CA ALA A 191 -0.56 -9.78 -1.88
C ALA A 191 -1.35 -8.48 -1.82
N ALA A 192 -0.98 -7.57 -0.93
CA ALA A 192 -1.55 -6.23 -0.94
C ALA A 192 -1.06 -5.40 -2.11
N ASN A 193 0.02 -5.83 -2.77
CA ASN A 193 0.48 -5.17 -3.98
C ASN A 193 -0.48 -5.41 -5.12
N SER A 194 -0.97 -6.64 -5.25
CA SER A 194 -1.86 -7.02 -6.34
C SER A 194 -3.32 -6.97 -5.94
N MET A 195 -3.63 -6.41 -4.75
CA MET A 195 -4.96 -6.38 -4.14
C MET A 195 -5.55 -7.79 -4.05
N GLU A 196 -4.76 -8.71 -3.49
CA GLU A 196 -5.08 -10.13 -3.49
C GLU A 196 -4.98 -10.75 -2.09
N THR A 197 -5.20 -9.95 -1.05
CA THR A 197 -5.16 -10.43 0.33
C THR A 197 -6.46 -11.12 0.69
N LEU A 198 -6.69 -11.35 1.98
CA LEU A 198 -7.95 -11.94 2.42
C LEU A 198 -9.10 -10.96 2.21
N GLY A 199 -10.32 -11.47 2.20
CA GLY A 199 -11.47 -10.61 2.02
C GLY A 199 -11.71 -9.73 3.23
N PHE A 200 -12.38 -8.60 3.01
CA PHE A 200 -12.58 -7.64 4.09
C PHE A 200 -13.93 -7.84 4.77
N TYR A 201 -14.85 -8.51 4.09
CA TYR A 201 -16.14 -8.80 4.69
C TYR A 201 -16.09 -10.16 5.36
N PRO A 202 -16.34 -10.25 6.67
CA PRO A 202 -16.14 -11.51 7.40
C PRO A 202 -17.15 -12.59 7.07
N TRP A 203 -18.33 -12.23 6.57
CA TRP A 203 -19.37 -13.21 6.31
C TRP A 203 -19.27 -13.83 4.92
N LYS A 204 -18.31 -13.41 4.12
CA LYS A 204 -18.15 -13.96 2.78
C LYS A 204 -16.91 -14.85 2.73
N PRO A 205 -16.98 -16.01 2.09
CA PRO A 205 -15.77 -16.83 1.93
C PRO A 205 -14.84 -16.23 0.90
N THR A 206 -13.55 -16.40 1.13
CA THR A 206 -12.51 -15.77 0.32
C THR A 206 -11.56 -16.81 -0.25
N ILE A 207 -10.61 -16.35 -1.06
CA ILE A 207 -9.68 -17.23 -1.75
C ILE A 207 -8.25 -16.83 -1.36
N ALA A 208 -7.31 -17.72 -1.69
CA ALA A 208 -5.90 -17.50 -1.43
C ALA A 208 -5.20 -17.14 -2.73
N SER A 209 -4.33 -16.13 -2.67
CA SER A 209 -3.64 -15.68 -3.87
C SER A 209 -2.50 -16.64 -4.21
N PRO A 210 -2.25 -16.91 -5.49
CA PRO A 210 -1.15 -17.79 -5.87
C PRO A 210 0.19 -17.11 -5.64
N TYR A 211 1.16 -17.89 -5.18
CA TYR A 211 2.50 -17.39 -4.90
C TYR A 211 3.37 -17.49 -6.14
N ARG A 212 4.13 -16.44 -6.38
CA ARG A 212 5.06 -16.35 -7.50
C ARG A 212 6.05 -15.26 -7.18
N TYR A 213 7.28 -15.40 -7.68
CA TYR A 213 8.30 -14.41 -7.39
C TYR A 213 9.05 -14.05 -8.65
N TYR A 214 9.94 -13.07 -8.54
CA TYR A 214 10.57 -12.44 -9.69
C TYR A 214 11.86 -13.18 -10.05
N PHE A 215 12.06 -13.44 -11.34
CA PHE A 215 13.34 -13.93 -11.82
C PHE A 215 14.13 -12.76 -12.42
N CYS A 216 15.44 -12.81 -12.26
CA CYS A 216 16.30 -11.67 -12.58
C CYS A 216 16.90 -11.86 -13.97
N VAL A 217 16.16 -11.39 -14.99
CA VAL A 217 16.66 -11.34 -16.36
C VAL A 217 16.70 -9.88 -16.80
N ASP A 218 17.46 -9.60 -17.85
CA ASP A 218 17.71 -8.22 -18.25
C ASP A 218 16.71 -7.77 -19.30
N ARG A 219 16.17 -6.56 -19.12
CA ARG A 219 15.23 -5.97 -20.05
C ARG A 219 15.69 -4.56 -20.39
N ASP A 220 15.79 -4.27 -21.69
CA ASP A 220 16.23 -2.97 -22.17
C ASP A 220 15.16 -2.39 -23.10
N LEU A 221 14.78 -1.15 -22.85
CA LEU A 221 13.79 -0.46 -23.66
C LEU A 221 14.31 0.93 -24.02
N SER A 222 14.23 1.26 -25.31
CA SER A 222 14.78 2.51 -25.82
C SER A 222 13.73 3.61 -25.66
N VAL A 223 14.16 4.75 -25.10
CA VAL A 223 13.24 5.86 -24.84
C VAL A 223 12.95 6.60 -26.14
N THR A 224 11.66 6.78 -26.42
CA THR A 224 11.20 7.49 -27.61
C THR A 224 9.82 8.05 -27.32
N TYR A 225 9.48 9.16 -27.99
CA TYR A 225 8.21 9.81 -27.73
C TYR A 225 7.17 9.40 -28.76
N GLU A 226 6.02 10.08 -28.72
CA GLU A 226 4.88 9.70 -29.55
C GLU A 226 5.15 10.02 -31.02
N ASN A 227 4.81 9.04 -31.88
CA ASN A 227 4.99 8.96 -33.35
C ASN A 227 6.27 9.65 -33.84
N GLN A 228 7.38 9.33 -33.17
CA GLN A 228 8.68 9.87 -33.52
C GLN A 228 9.21 9.19 -34.77
N GLU A 229 9.79 9.97 -35.67
CA GLU A 229 10.41 9.40 -36.87
C GLU A 229 11.63 8.60 -36.47
N GLY A 230 11.63 7.33 -36.89
CA GLY A 230 12.62 6.36 -36.47
C GLY A 230 11.94 5.09 -35.97
N THR A 231 12.73 4.22 -35.36
CA THR A 231 12.25 2.95 -34.86
C THR A 231 12.73 2.73 -33.43
N VAL A 232 12.08 1.80 -32.74
CA VAL A 232 12.45 1.43 -31.38
C VAL A 232 13.71 0.55 -31.48
N GLU A 233 14.82 1.04 -30.95
CA GLU A 233 16.10 0.34 -31.10
C GLU A 233 16.19 -0.85 -30.16
N HIS A 234 15.76 -0.69 -28.91
CA HIS A 234 15.86 -1.73 -27.90
C HIS A 234 14.47 -2.11 -27.42
N ASN A 235 14.11 -3.38 -27.60
CA ASN A 235 12.92 -3.96 -27.00
C ASN A 235 13.20 -5.39 -26.56
N VAL A 236 14.46 -5.69 -26.30
CA VAL A 236 14.91 -7.06 -26.10
C VAL A 236 14.75 -7.45 -24.64
N MET A 237 14.73 -8.76 -24.40
CA MET A 237 14.82 -9.32 -23.06
C MET A 237 15.85 -10.45 -23.06
N GLY A 238 16.60 -10.55 -21.97
CA GLY A 238 17.77 -11.40 -21.97
C GLY A 238 17.51 -12.83 -21.51
N THR A 239 18.59 -13.59 -21.57
CA THR A 239 18.66 -14.97 -21.09
C THR A 239 18.88 -14.94 -19.58
N PRO A 240 18.62 -16.05 -18.88
CA PRO A 240 19.07 -16.13 -17.47
C PRO A 240 20.57 -15.97 -17.31
N LYS A 241 20.96 -15.20 -16.29
CA LYS A 241 22.34 -14.88 -16.01
C LYS A 241 22.89 -15.87 -14.98
N GLY A 242 24.15 -16.27 -15.16
CA GLY A 242 24.73 -17.26 -14.27
C GLY A 242 25.09 -16.67 -12.91
N MET A 243 25.35 -15.38 -12.87
CA MET A 243 25.75 -14.74 -11.61
C MET A 243 24.57 -14.60 -10.66
N ASN A 244 23.48 -13.99 -11.12
CA ASN A 244 22.32 -13.72 -10.27
C ASN A 244 21.09 -14.43 -10.86
N SER A 245 20.93 -15.70 -10.49
CA SER A 245 19.72 -16.47 -10.76
C SER A 245 19.39 -17.24 -9.50
N GLN A 246 18.19 -17.03 -8.98
CA GLN A 246 17.75 -17.66 -7.75
C GLN A 246 16.41 -18.35 -8.01
N PHE A 247 16.45 -19.67 -8.11
CA PHE A 247 15.25 -20.49 -8.24
C PHE A 247 15.02 -21.19 -6.92
N PHE A 248 14.05 -20.71 -6.15
CA PHE A 248 13.70 -21.25 -4.86
C PHE A 248 12.53 -22.21 -5.02
N THR A 249 12.61 -23.36 -4.35
CA THR A 249 11.48 -24.24 -4.20
C THR A 249 11.02 -24.20 -2.76
N ILE A 250 9.73 -24.43 -2.56
CA ILE A 250 9.16 -24.35 -1.22
C ILE A 250 9.29 -25.70 -0.51
N GLU A 251 9.62 -26.74 -1.26
CA GLU A 251 9.83 -28.06 -0.68
C GLU A 251 11.20 -28.18 -0.06
N ASN A 252 12.22 -27.60 -0.69
CA ASN A 252 13.60 -27.70 -0.20
C ASN A 252 13.92 -26.68 0.88
N THR A 253 13.06 -25.70 1.12
CA THR A 253 13.39 -24.59 1.99
C THR A 253 12.57 -24.53 3.27
N GLN A 254 11.42 -25.19 3.33
CA GLN A 254 10.50 -25.03 4.44
C GLN A 254 10.22 -26.35 5.13
N GLN A 255 9.55 -26.24 6.27
CA GLN A 255 9.07 -27.39 7.03
C GLN A 255 7.56 -27.48 6.80
N ILE A 256 7.15 -28.46 6.01
CA ILE A 256 5.78 -28.53 5.50
C ILE A 256 4.96 -29.45 6.39
N THR A 257 3.86 -28.92 6.92
CA THR A 257 2.92 -29.66 7.75
C THR A 257 1.76 -30.12 6.87
N LEU A 258 1.49 -31.42 6.87
CA LEU A 258 0.30 -31.94 6.21
C LEU A 258 -0.88 -31.87 7.16
N LEU A 259 -2.03 -31.46 6.65
CA LEU A 259 -3.24 -31.27 7.43
C LEU A 259 -4.37 -32.06 6.78
N ARG A 260 -4.87 -33.06 7.49
CA ARG A 260 -6.08 -33.74 7.08
C ARG A 260 -7.28 -33.05 7.74
N THR A 261 -8.45 -33.69 7.69
CA THR A 261 -9.67 -33.05 8.14
C THR A 261 -9.72 -32.89 9.65
N GLY A 262 -8.94 -33.68 10.38
CA GLY A 262 -8.88 -33.56 11.81
C GLY A 262 -7.71 -32.79 12.36
N ASP A 263 -6.79 -32.38 11.52
CA ASP A 263 -5.57 -31.71 11.95
C ASP A 263 -5.74 -30.20 11.93
N GLU A 264 -5.00 -29.53 12.80
CA GLU A 264 -4.95 -28.08 12.85
C GLU A 264 -3.50 -27.63 12.76
N PHE A 265 -3.30 -26.38 12.39
CA PHE A 265 -1.99 -25.76 12.36
C PHE A 265 -2.09 -24.44 13.12
N ALA A 266 -1.04 -24.08 13.84
CA ALA A 266 -1.02 -22.83 14.57
C ALA A 266 0.40 -22.29 14.58
N THR A 267 0.63 -21.16 13.94
CA THR A 267 1.92 -20.50 14.04
C THR A 267 1.82 -19.40 15.10
N GLY A 268 2.77 -19.47 16.04
CA GLY A 268 2.69 -18.77 17.29
C GLY A 268 2.97 -17.29 17.18
N THR A 269 3.13 -16.66 18.33
CA THR A 269 3.16 -15.22 18.42
C THR A 269 4.44 -14.63 17.83
N TYR A 270 4.33 -14.04 16.65
CA TYR A 270 5.38 -13.22 16.11
C TYR A 270 5.27 -11.85 16.75
N TYR A 271 6.32 -11.42 17.44
CA TYR A 271 6.31 -10.13 18.13
C TYR A 271 6.95 -9.07 17.24
N PHE A 272 6.17 -8.04 16.90
CA PHE A 272 6.65 -6.97 16.03
C PHE A 272 7.68 -6.11 16.73
N ASP A 273 8.55 -5.49 15.93
CA ASP A 273 9.56 -4.56 16.41
C ASP A 273 9.54 -3.32 15.52
N THR A 274 8.35 -2.79 15.27
CA THR A 274 8.18 -1.64 14.40
C THR A 274 8.20 -0.35 15.21
N ASN A 275 8.05 0.78 14.50
CA ASN A 275 7.96 2.13 15.02
C ASN A 275 6.52 2.62 14.93
N PRO A 276 6.08 3.47 15.87
CA PRO A 276 4.69 3.93 15.84
C PRO A 276 4.42 4.90 14.70
N VAL A 277 3.22 4.81 14.14
CA VAL A 277 2.71 5.78 13.19
C VAL A 277 1.80 6.72 13.96
N LYS A 278 1.66 7.95 13.50
CA LYS A 278 0.86 8.93 14.21
C LYS A 278 -0.49 9.11 13.54
N LEU A 279 -1.56 9.10 14.34
CA LEU A 279 -2.92 9.23 13.86
C LEU A 279 -3.40 10.67 13.84
N THR A 280 -2.49 11.63 13.92
CA THR A 280 -2.80 13.04 13.81
C THR A 280 -1.99 13.64 12.67
N HIS A 281 -2.57 14.65 12.00
CA HIS A 281 -1.96 15.20 10.79
C HIS A 281 -1.39 16.58 11.09
N THR A 282 -0.52 17.05 10.19
CA THR A 282 0.16 18.32 10.41
C THR A 282 -0.32 19.34 9.39
N TRP A 283 -0.18 20.62 9.72
CA TRP A 283 -0.63 21.70 8.87
C TRP A 283 0.41 22.79 8.66
N GLN A 284 1.45 22.84 9.49
CA GLN A 284 2.39 23.95 9.47
C GLN A 284 3.35 23.81 8.30
N THR A 285 3.33 24.79 7.41
CA THR A 285 4.25 24.84 6.29
C THR A 285 5.56 25.46 6.74
N ASN A 286 6.43 25.78 5.78
CA ASN A 286 7.67 26.45 6.13
C ASN A 286 7.48 27.94 6.41
N ARG A 287 6.29 28.48 6.14
CA ARG A 287 5.97 29.86 6.47
C ARG A 287 5.07 29.97 7.69
N GLN A 288 5.06 28.95 8.54
CA GLN A 288 4.27 28.91 9.76
C GLN A 288 5.06 28.26 10.88
N LEU A 289 6.37 28.44 10.87
CA LEU A 289 7.26 27.91 11.89
C LEU A 289 7.91 29.07 12.64
N GLY A 290 7.91 29.00 13.96
CA GLY A 290 8.55 30.00 14.77
C GLY A 290 7.60 31.08 15.23
N GLN A 291 8.20 32.18 15.70
CA GLN A 291 7.42 33.29 16.21
C GLN A 291 6.88 34.14 15.06
N PRO A 292 5.60 34.51 15.07
CA PRO A 292 5.09 35.44 14.08
C PRO A 292 5.67 36.82 14.30
N PRO A 293 5.74 37.66 13.26
CA PRO A 293 6.20 39.03 13.47
C PRO A 293 5.16 39.84 14.23
N LEU A 294 5.64 40.68 15.14
CA LEU A 294 4.73 41.43 15.98
C LEU A 294 4.06 42.55 15.19
N LEU A 295 2.76 42.71 15.40
CA LEU A 295 1.95 43.64 14.62
C LEU A 295 2.21 45.06 15.12
N SER A 296 2.53 45.95 14.18
CA SER A 296 2.69 47.36 14.56
C SER A 296 1.35 48.01 14.83
N THR A 297 0.39 47.81 13.93
CA THR A 297 -0.97 48.30 14.10
C THR A 297 -1.92 47.11 14.17
N PHE A 298 -3.02 47.31 14.89
CA PHE A 298 -4.04 46.30 15.11
C PHE A 298 -5.33 46.70 14.42
N PRO A 299 -6.15 45.74 13.97
CA PRO A 299 -7.38 46.09 13.27
C PRO A 299 -8.47 46.60 14.21
N GLU A 300 -9.25 47.58 13.75
CA GLU A 300 -10.31 48.13 14.59
C GLU A 300 -11.55 47.23 14.55
N ALA A 301 -11.99 46.86 13.35
CA ALA A 301 -13.16 46.01 13.19
C ALA A 301 -12.73 44.55 13.03
N ASP A 302 -13.69 43.69 12.70
CA ASP A 302 -13.43 42.28 12.47
C ASP A 302 -13.08 41.96 11.02
N THR A 303 -13.02 42.97 10.16
CA THR A 303 -12.82 42.76 8.72
C THR A 303 -11.40 43.09 8.26
N ASP A 304 -10.85 44.21 8.73
CA ASP A 304 -9.55 44.65 8.23
C ASP A 304 -8.41 43.87 8.87
N ALA A 305 -7.22 44.05 8.33
CA ALA A 305 -6.04 43.35 8.78
C ALA A 305 -5.16 44.25 9.63
N GLY A 306 -4.05 43.68 10.11
CA GLY A 306 -3.10 44.42 10.91
C GLY A 306 -1.74 44.51 10.26
N THR A 307 -1.26 45.72 10.02
CA THR A 307 0.02 45.90 9.36
C THR A 307 1.16 45.67 10.34
N LEU A 308 2.19 44.96 9.88
CA LEU A 308 3.36 44.71 10.71
C LEU A 308 4.33 45.89 10.63
N THR A 309 5.49 45.71 11.26
CA THR A 309 6.59 46.64 11.11
C THR A 309 7.08 46.61 9.66
N ALA A 310 7.41 47.79 9.13
CA ALA A 310 7.91 47.92 7.77
C ALA A 310 9.20 47.12 7.60
N GLN A 311 9.41 46.62 6.37
CA GLN A 311 10.40 45.57 6.14
C GLN A 311 11.82 46.10 6.29
N GLY A 312 12.07 47.33 5.86
CA GLY A 312 13.42 47.88 5.90
C GLY A 312 13.92 48.16 7.31
N SER A 313 12.99 48.34 8.26
CA SER A 313 13.33 48.60 9.65
C SER A 313 12.76 47.53 10.57
N ARG A 314 12.88 46.27 10.18
CA ARG A 314 12.35 45.14 10.94
C ARG A 314 13.49 44.26 11.42
N HIS A 315 13.40 43.79 12.66
CA HIS A 315 14.40 42.89 13.19
C HIS A 315 14.15 41.46 12.75
N GLY A 316 15.15 40.62 12.90
CA GLY A 316 15.06 39.24 12.51
C GLY A 316 16.32 38.81 11.77
N THR A 317 16.26 37.61 11.22
CA THR A 317 17.39 37.05 10.48
C THR A 317 16.93 36.54 9.13
N THR A 318 17.80 36.67 8.14
CA THR A 318 17.56 36.17 6.80
C THR A 318 18.82 35.46 6.33
N GLN A 319 18.76 34.92 5.11
CA GLN A 319 19.96 34.40 4.46
C GLN A 319 20.26 35.09 3.14
N MET A 320 19.36 35.97 2.68
CA MET A 320 19.64 36.80 1.52
C MET A 320 20.40 38.06 1.96
N GLY A 321 20.95 38.76 0.99
CA GLY A 321 21.74 39.93 1.27
C GLY A 321 20.98 41.24 1.28
N VAL A 322 19.65 41.20 1.19
CA VAL A 322 18.88 42.44 1.15
C VAL A 322 18.77 43.03 2.54
N ASN A 323 18.54 44.34 2.59
CA ASN A 323 18.41 45.06 3.85
C ASN A 323 16.94 45.19 4.27
N TRP A 324 16.25 44.04 4.28
CA TRP A 324 14.89 43.97 4.80
C TRP A 324 14.56 42.51 5.11
N VAL A 325 13.69 42.32 6.08
CA VAL A 325 13.24 41.00 6.50
C VAL A 325 11.79 40.85 6.06
N SER A 326 11.44 39.68 5.53
CA SER A 326 10.07 39.40 5.11
C SER A 326 9.76 37.96 5.48
N GLU A 327 8.49 37.58 5.40
CA GLU A 327 8.04 36.25 5.78
C GLU A 327 8.53 35.19 4.82
N ALA A 328 8.78 35.58 3.56
CA ALA A 328 9.20 34.62 2.55
C ALA A 328 10.66 34.24 2.71
N ILE A 329 11.51 35.20 3.10
CA ILE A 329 12.95 34.96 3.15
C ILE A 329 13.48 34.86 4.58
N ARG A 330 12.60 34.78 5.58
CA ARG A 330 13.04 34.59 6.95
C ARG A 330 13.65 33.22 7.14
N THR A 331 14.61 33.13 8.06
CA THR A 331 15.35 31.90 8.31
C THR A 331 14.51 30.99 9.21
N ARG A 332 14.29 29.77 8.75
CA ARG A 332 13.48 28.78 9.43
C ARG A 332 14.37 27.71 10.03
N PRO A 333 13.86 26.91 10.99
CA PRO A 333 14.68 25.81 11.52
C PRO A 333 14.97 24.72 10.51
N ALA A 334 13.97 24.27 9.75
CA ALA A 334 14.17 23.20 8.78
C ALA A 334 13.12 23.31 7.69
N GLN A 335 13.46 22.77 6.52
CA GLN A 335 12.49 22.63 5.45
C GLN A 335 11.52 21.52 5.78
N VAL A 336 10.23 21.76 5.58
CA VAL A 336 9.21 20.78 5.95
C VAL A 336 8.90 19.84 4.79
N GLY A 337 8.70 20.39 3.60
CA GLY A 337 8.48 19.52 2.46
C GLY A 337 9.55 19.72 1.41
N PHE A 338 9.96 18.65 0.75
CA PHE A 338 10.94 18.80 -0.31
C PHE A 338 10.28 18.64 -1.67
N CYS A 339 10.87 19.29 -2.67
CA CYS A 339 10.45 19.13 -4.05
C CYS A 339 11.03 17.83 -4.59
N GLN A 340 10.25 17.15 -5.43
CA GLN A 340 10.68 15.86 -5.94
C GLN A 340 10.36 15.77 -7.42
N PRO A 341 11.20 15.09 -8.21
CA PRO A 341 11.04 15.12 -9.68
C PRO A 341 9.80 14.39 -10.15
N HIS A 342 9.02 15.07 -10.99
CA HIS A 342 7.73 14.55 -11.44
C HIS A 342 7.92 13.54 -12.56
N ASN A 343 7.55 12.29 -12.26
CA ASN A 343 7.45 11.19 -13.22
C ASN A 343 8.79 10.91 -13.90
N ASP A 344 9.83 10.75 -13.09
CA ASP A 344 11.15 10.37 -13.59
C ASP A 344 11.19 8.86 -13.75
N PHE A 345 11.41 8.40 -14.97
CA PHE A 345 11.42 6.98 -15.29
C PHE A 345 12.87 6.54 -15.39
N GLU A 346 13.39 5.98 -14.31
CA GLU A 346 14.76 5.48 -14.27
C GLU A 346 14.83 4.12 -14.92
N ALA A 347 16.05 3.67 -15.21
CA ALA A 347 16.25 2.42 -15.91
C ALA A 347 17.58 1.81 -15.49
N SER A 348 17.54 0.62 -14.87
CA SER A 348 18.75 -0.05 -14.43
C SER A 348 18.52 -1.56 -14.50
N ARG A 349 18.90 -2.14 -15.65
CA ARG A 349 18.97 -3.59 -15.92
C ARG A 349 17.64 -4.32 -15.81
N ALA A 350 16.52 -3.63 -15.70
CA ALA A 350 15.23 -4.28 -15.68
C ALA A 350 14.17 -3.57 -16.52
N GLY A 351 14.43 -2.37 -17.01
CA GLY A 351 13.45 -1.62 -17.75
C GLY A 351 13.12 -0.31 -17.07
N PRO A 352 12.33 0.54 -17.74
CA PRO A 352 11.96 1.83 -17.14
C PRO A 352 10.93 1.66 -16.04
N PHE A 353 11.23 2.20 -14.86
CA PHE A 353 10.32 2.23 -13.73
C PHE A 353 10.27 3.65 -13.18
N ALA A 354 9.09 4.07 -12.75
CA ALA A 354 8.95 5.38 -12.13
C ALA A 354 9.54 5.35 -10.73
N ALA A 355 10.33 6.36 -10.41
CA ALA A 355 10.91 6.46 -9.08
C ALA A 355 9.83 6.84 -8.07
N PRO A 356 9.82 6.22 -6.89
CA PRO A 356 8.74 6.49 -5.94
C PRO A 356 8.89 7.83 -5.27
N LYS A 357 7.76 8.50 -5.05
CA LYS A 357 7.71 9.78 -4.37
C LYS A 357 7.15 9.59 -2.97
N VAL A 358 7.62 10.41 -2.04
CA VAL A 358 6.99 10.44 -0.72
C VAL A 358 5.65 11.15 -0.84
N PRO A 359 4.55 10.55 -0.36
CA PRO A 359 3.25 11.20 -0.48
C PRO A 359 3.13 12.43 0.41
N ALA A 360 2.70 13.53 -0.20
CA ALA A 360 2.47 14.78 0.50
C ALA A 360 1.13 15.34 0.03
N ASP A 361 0.77 16.48 0.61
CA ASP A 361 -0.54 17.08 0.34
C ASP A 361 -0.59 17.69 -1.05
N ILE A 362 -1.75 17.60 -1.69
CA ILE A 362 -1.98 18.35 -2.91
C ILE A 362 -2.37 19.78 -2.50
N THR A 363 -1.75 20.77 -3.14
CA THR A 363 -1.91 22.14 -2.66
C THR A 363 -3.15 22.79 -3.26
N GLN A 364 -3.22 24.12 -3.12
CA GLN A 364 -4.27 24.93 -3.74
C GLN A 364 -4.14 24.85 -5.26
N GLY A 365 -2.92 24.61 -5.72
CA GLY A 365 -2.53 24.08 -7.00
C GLY A 365 -2.76 22.59 -7.10
N VAL A 366 -3.96 22.16 -7.49
CA VAL A 366 -4.61 20.91 -7.14
C VAL A 366 -3.86 19.65 -7.62
N ASP A 367 -2.78 19.81 -8.38
CA ASP A 367 -2.11 18.69 -9.10
C ASP A 367 -1.59 17.62 -8.15
N LYS A 368 -2.00 16.38 -8.43
CA LYS A 368 -1.81 15.28 -7.50
C LYS A 368 -0.57 14.46 -7.85
N GLU A 369 -0.08 14.59 -9.09
CA GLU A 369 1.00 13.75 -9.55
C GLU A 369 2.33 14.19 -8.97
N ALA A 370 2.45 15.48 -8.63
CA ALA A 370 3.73 16.02 -8.19
C ALA A 370 4.09 15.54 -6.80
N ASN A 371 3.11 15.45 -5.90
CA ASN A 371 3.34 15.03 -4.53
C ASN A 371 3.16 13.54 -4.33
N GLY A 372 2.75 12.81 -5.36
CA GLY A 372 2.71 11.37 -5.28
C GLY A 372 1.51 10.80 -4.56
N SER A 373 0.32 11.23 -4.95
CA SER A 373 -0.90 10.67 -4.40
C SER A 373 -1.14 9.28 -4.97
N VAL A 374 -1.22 8.28 -4.09
CA VAL A 374 -1.29 6.90 -4.54
C VAL A 374 -2.67 6.60 -5.11
N ARG A 375 -2.69 5.93 -6.27
CA ARG A 375 -3.91 5.61 -6.98
C ARG A 375 -4.21 4.13 -6.80
N TYR A 376 -5.20 3.81 -5.97
CA TYR A 376 -5.56 2.44 -5.66
C TYR A 376 -6.60 1.94 -6.64
N SER A 377 -6.45 0.67 -7.05
CA SER A 377 -7.38 0.00 -7.97
C SER A 377 -7.71 -1.38 -7.38
N TYR A 378 -8.93 -1.51 -6.89
CA TYR A 378 -9.30 -2.69 -6.12
C TYR A 378 -10.58 -3.31 -6.67
N GLY A 379 -10.92 -4.49 -6.12
CA GLY A 379 -12.00 -5.31 -6.62
C GLY A 379 -13.14 -5.48 -5.63
N LYS A 380 -14.06 -6.38 -6.00
CA LYS A 380 -15.29 -6.58 -5.23
C LYS A 380 -15.02 -7.24 -3.89
N GLN A 381 -13.97 -8.06 -3.81
CA GLN A 381 -13.60 -8.67 -2.54
C GLN A 381 -13.00 -7.67 -1.58
N HIS A 382 -12.54 -6.52 -2.08
CA HIS A 382 -11.76 -5.58 -1.28
C HIS A 382 -12.39 -4.20 -1.18
N GLY A 383 -13.58 -3.99 -1.75
CA GLY A 383 -14.23 -2.72 -1.51
C GLY A 383 -15.03 -2.12 -2.65
N GLU A 384 -14.98 -2.72 -3.83
CA GLU A 384 -15.81 -2.25 -4.93
C GLU A 384 -17.26 -2.58 -4.63
N ASN A 385 -18.16 -1.67 -5.04
CA ASN A 385 -19.59 -1.93 -4.95
C ASN A 385 -19.96 -3.14 -5.80
N TRP A 386 -20.70 -4.07 -5.21
CA TRP A 386 -20.95 -5.35 -5.85
C TRP A 386 -21.95 -5.23 -7.00
N ALA A 387 -22.64 -4.10 -7.10
CA ALA A 387 -23.57 -3.82 -8.19
C ALA A 387 -22.89 -3.31 -9.45
N SER A 388 -21.56 -3.38 -9.54
CA SER A 388 -20.83 -2.94 -10.72
C SER A 388 -20.63 -4.14 -11.64
N HIS A 389 -21.44 -4.20 -12.71
CA HIS A 389 -21.40 -5.38 -13.58
C HIS A 389 -20.21 -5.36 -14.52
N GLY A 390 -19.54 -4.21 -14.66
CA GLY A 390 -18.42 -4.09 -15.54
C GLY A 390 -17.17 -4.79 -15.01
N PRO A 391 -16.22 -5.07 -15.91
CA PRO A 391 -14.97 -5.70 -15.46
C PRO A 391 -13.95 -4.70 -14.95
N ALA A 392 -14.21 -3.40 -15.11
CA ALA A 392 -13.27 -2.39 -14.65
C ALA A 392 -13.27 -2.33 -13.13
N PRO A 393 -12.13 -2.11 -12.49
CA PRO A 393 -12.06 -2.10 -11.03
C PRO A 393 -12.59 -0.78 -10.47
N GLU A 394 -12.51 -0.67 -9.15
CA GLU A 394 -12.84 0.58 -8.46
C GLU A 394 -11.55 1.28 -8.09
N ARG A 395 -11.41 2.52 -8.54
CA ARG A 395 -10.18 3.27 -8.36
C ARG A 395 -10.42 4.45 -7.43
N TYR A 396 -9.35 4.92 -6.80
CA TYR A 396 -9.42 5.98 -5.82
C TYR A 396 -8.04 6.60 -5.65
N THR A 397 -7.96 7.92 -5.80
CA THR A 397 -6.72 8.65 -5.56
C THR A 397 -6.67 9.05 -4.09
N TRP A 398 -5.59 8.65 -3.40
CA TRP A 398 -5.45 8.93 -1.97
C TRP A 398 -4.67 10.22 -1.81
N ASP A 399 -5.39 11.32 -1.61
CA ASP A 399 -4.74 12.60 -1.35
C ASP A 399 -4.28 12.67 0.10
N GLU A 400 -3.01 12.97 0.30
CA GLU A 400 -2.42 12.95 1.62
C GLU A 400 -2.84 14.18 2.42
N THR A 401 -2.95 14.00 3.74
CA THR A 401 -3.38 15.05 4.65
C THR A 401 -2.21 15.68 5.41
N SER A 402 -1.02 15.70 4.82
CA SER A 402 0.14 16.35 5.43
C SER A 402 0.30 17.72 4.80
N PHE A 403 -0.49 18.68 5.29
CA PHE A 403 -0.67 19.96 4.62
C PHE A 403 0.54 20.87 4.67
N GLY A 404 1.55 20.55 5.47
CA GLY A 404 2.73 21.39 5.52
C GLY A 404 3.83 20.92 4.58
N SER A 405 3.76 19.66 4.16
CA SER A 405 4.75 19.08 3.28
C SER A 405 4.39 19.17 1.81
N GLY A 406 3.23 19.72 1.48
CA GLY A 406 2.82 19.77 0.08
C GLY A 406 3.56 20.86 -0.68
N ARG A 407 3.77 20.61 -1.97
CA ARG A 407 4.48 21.53 -2.84
C ARG A 407 3.56 22.04 -3.93
N ASP A 408 3.55 23.35 -4.14
CA ASP A 408 2.78 23.98 -5.19
C ASP A 408 3.73 24.28 -6.35
N THR A 409 3.48 23.62 -7.49
CA THR A 409 4.49 23.59 -8.54
C THR A 409 4.39 24.78 -9.46
N LYS A 410 3.19 25.31 -9.68
CA LYS A 410 3.04 26.48 -10.55
C LYS A 410 3.52 27.73 -9.87
N ASP A 411 3.48 27.77 -8.54
CA ASP A 411 3.88 28.94 -7.76
C ASP A 411 5.28 28.81 -7.18
N GLY A 412 6.06 27.80 -7.62
CA GLY A 412 7.46 27.73 -7.24
C GLY A 412 8.33 28.42 -8.27
N PHE A 413 9.41 29.02 -7.79
CA PHE A 413 10.27 29.84 -8.64
C PHE A 413 11.66 29.90 -8.03
N ILE A 414 12.64 30.22 -8.87
CA ILE A 414 14.04 30.32 -8.46
C ILE A 414 14.57 31.65 -8.96
N GLN A 415 15.17 32.44 -8.07
CA GLN A 415 15.77 33.68 -8.50
C GLN A 415 17.29 33.52 -8.60
N SER A 416 17.96 34.58 -9.05
CA SER A 416 19.40 34.60 -9.19
C SER A 416 20.07 34.68 -7.82
N ALA A 417 21.39 34.52 -7.82
CA ALA A 417 22.15 34.33 -6.59
C ALA A 417 22.22 35.58 -5.69
N PRO A 418 22.36 36.81 -6.20
CA PRO A 418 22.01 37.96 -5.35
C PRO A 418 20.55 38.32 -5.51
N LEU A 419 19.85 38.39 -4.38
CA LEU A 419 18.41 38.61 -4.41
C LEU A 419 18.10 40.06 -4.75
N VAL A 420 17.52 40.28 -5.92
CA VAL A 420 17.02 41.59 -6.30
C VAL A 420 15.56 41.49 -6.74
N VAL A 421 14.65 41.70 -5.80
CA VAL A 421 13.22 41.61 -6.13
C VAL A 421 12.70 43.02 -6.42
N PRO A 422 11.84 43.22 -7.44
CA PRO A 422 11.39 42.32 -8.51
C PRO A 422 12.49 41.97 -9.52
N PRO A 423 12.67 40.69 -9.76
CA PRO A 423 13.73 40.26 -10.68
C PRO A 423 13.36 40.53 -12.12
N PRO A 424 14.33 40.65 -13.01
CA PRO A 424 14.04 40.78 -14.44
C PRO A 424 13.64 39.43 -15.05
N LEU A 425 13.50 39.43 -16.38
CA LEU A 425 13.08 38.23 -17.10
C LEU A 425 14.15 37.14 -17.03
N ASN A 426 15.41 37.52 -17.20
CA ASN A 426 16.52 36.58 -17.19
C ASN A 426 17.05 36.31 -15.78
N GLY A 427 16.35 36.74 -14.74
CA GLY A 427 16.81 36.55 -13.39
C GLY A 427 15.92 35.64 -12.57
N ILE A 428 14.91 35.04 -13.20
CA ILE A 428 13.95 34.19 -12.50
C ILE A 428 13.62 33.00 -13.40
N LEU A 429 13.49 31.83 -12.79
CA LEU A 429 13.09 30.60 -13.47
C LEU A 429 11.80 30.13 -12.81
N THR A 430 10.72 30.17 -13.59
CA THR A 430 9.40 29.81 -13.09
C THR A 430 8.94 28.49 -13.71
N ASN A 431 7.68 28.14 -13.45
CA ASN A 431 7.07 26.95 -14.04
C ASN A 431 6.34 27.31 -15.33
N ALA A 432 7.06 28.03 -16.20
CA ALA A 432 6.65 28.26 -17.58
C ALA A 432 7.80 28.14 -18.56
N ASN A 433 9.04 28.11 -18.08
CA ASN A 433 10.19 28.15 -18.95
C ASN A 433 10.55 26.73 -19.40
N PRO A 434 10.95 26.55 -20.65
CA PRO A 434 11.30 25.21 -21.13
C PRO A 434 12.69 24.76 -20.70
N ILE A 435 12.79 23.56 -20.14
CA ILE A 435 14.07 22.98 -19.78
C ILE A 435 14.56 22.10 -20.92
N GLY A 436 15.82 22.28 -21.31
CA GLY A 436 16.30 21.67 -22.54
C GLY A 436 15.75 22.47 -23.69
N THR A 437 14.90 21.82 -24.49
CA THR A 437 14.10 22.51 -25.48
C THR A 437 12.62 22.19 -25.35
N LYS A 438 12.23 21.35 -24.40
CA LYS A 438 10.87 20.85 -24.30
C LYS A 438 10.02 21.85 -23.53
N ASN A 439 8.97 22.35 -24.19
CA ASN A 439 8.10 23.33 -23.54
C ASN A 439 7.03 22.65 -22.68
N ASP A 440 6.92 21.32 -22.77
CA ASP A 440 6.03 20.60 -21.88
C ASP A 440 6.69 20.23 -20.56
N ILE A 441 8.01 20.45 -20.44
CA ILE A 441 8.77 20.10 -19.24
C ILE A 441 9.37 21.38 -18.68
N HIS A 442 9.16 21.62 -17.39
CA HIS A 442 9.66 22.81 -16.70
C HIS A 442 10.67 22.37 -15.65
N PHE A 443 11.12 23.33 -14.82
CA PHE A 443 12.20 23.05 -13.90
C PHE A 443 11.73 22.23 -12.70
N SER A 444 10.42 22.21 -12.45
CA SER A 444 9.89 21.45 -11.33
C SER A 444 9.94 19.95 -11.60
N ASN A 445 10.05 19.56 -12.86
CA ASN A 445 10.09 18.14 -13.21
C ASN A 445 11.44 17.52 -12.89
N VAL A 446 12.49 18.35 -12.78
CA VAL A 446 13.84 17.84 -12.53
C VAL A 446 14.41 18.29 -11.19
N PHE A 447 13.73 19.17 -10.47
CA PHE A 447 14.28 19.78 -9.27
C PHE A 447 14.06 18.87 -8.06
N ASN A 448 15.15 18.39 -7.49
CA ASN A 448 15.13 17.66 -6.23
C ASN A 448 15.77 18.53 -5.16
N SER A 449 15.03 18.80 -4.10
CA SER A 449 15.54 19.61 -3.00
C SER A 449 15.56 18.85 -1.68
N TYR A 450 15.76 17.54 -1.72
CA TYR A 450 15.98 16.79 -0.49
C TYR A 450 17.37 17.11 0.04
N GLY A 451 17.44 17.54 1.29
CA GLY A 451 18.68 17.96 1.87
C GLY A 451 18.83 17.53 3.32
N PRO A 452 19.86 18.04 4.00
CA PRO A 452 20.06 17.65 5.40
C PRO A 452 19.03 18.24 6.35
N LEU A 453 18.59 19.47 6.11
CA LEU A 453 17.54 20.09 6.91
C LEU A 453 16.17 19.96 6.24
N THR A 454 15.79 18.71 5.95
CA THR A 454 14.48 18.38 5.41
C THR A 454 13.77 17.47 6.39
N ALA A 455 12.60 17.89 6.86
CA ALA A 455 11.84 17.17 7.87
C ALA A 455 10.39 17.00 7.42
N PHE A 456 10.08 15.83 6.88
CA PHE A 456 8.76 15.56 6.35
C PHE A 456 8.04 14.58 7.27
N SER A 457 6.78 14.31 6.95
CA SER A 457 5.94 13.48 7.79
C SER A 457 5.75 12.10 7.17
N HIS A 458 5.52 11.11 8.03
CA HIS A 458 5.30 9.74 7.57
C HIS A 458 3.93 9.64 6.90
N PRO A 459 3.81 8.94 5.77
CA PRO A 459 2.53 8.88 5.06
C PRO A 459 1.52 8.03 5.82
N SER A 460 0.26 8.45 5.75
CA SER A 460 -0.77 7.88 6.59
C SER A 460 -1.13 6.48 6.10
N PRO A 461 -1.55 5.59 7.01
CA PRO A 461 -2.12 4.31 6.60
C PRO A 461 -3.43 4.53 5.87
N VAL A 462 -3.70 3.65 4.91
CA VAL A 462 -4.90 3.73 4.10
C VAL A 462 -5.84 2.63 4.56
N TYR A 463 -7.10 2.98 4.77
CA TYR A 463 -8.09 2.00 5.17
C TYR A 463 -8.53 1.19 3.94
N PRO A 464 -9.55 0.32 4.06
CA PRO A 464 -9.34 -1.13 3.96
C PRO A 464 -8.22 -1.61 3.03
N GLN A 465 -8.12 -1.05 1.81
CA GLN A 465 -7.16 -1.52 0.83
C GLN A 465 -5.79 -0.87 1.04
N GLY A 466 -5.29 -0.97 2.26
CA GLY A 466 -3.95 -0.57 2.60
C GLY A 466 -3.02 -1.75 2.68
N GLN A 467 -1.88 -1.54 3.33
CA GLN A 467 -0.96 -2.61 3.67
C GLN A 467 -0.39 -2.29 5.04
N ILE A 468 -0.40 -3.25 5.96
CA ILE A 468 -0.03 -2.95 7.33
C ILE A 468 1.47 -2.92 7.50
N TRP A 469 2.15 -4.03 7.20
CA TRP A 469 3.57 -4.14 7.45
C TRP A 469 4.32 -4.44 6.17
N ASP A 470 5.64 -4.31 6.24
CA ASP A 470 6.52 -4.64 5.14
C ASP A 470 7.81 -5.25 5.68
N LYS A 471 8.64 -5.74 4.76
CA LYS A 471 9.95 -6.28 5.10
C LYS A 471 11.01 -5.28 4.65
N GLU A 472 11.98 -5.02 5.51
CA GLU A 472 13.04 -4.09 5.18
C GLU A 472 13.95 -4.68 4.11
N LEU A 473 14.32 -3.85 3.13
CA LEU A 473 15.17 -4.30 2.03
C LEU A 473 16.55 -4.69 2.52
N ASP A 474 17.07 -5.80 2.00
CA ASP A 474 18.32 -6.38 2.47
C ASP A 474 19.49 -5.70 1.79
N LEU A 475 19.64 -4.41 2.08
CA LEU A 475 20.75 -3.61 1.61
C LEU A 475 21.41 -2.96 2.80
N GLU A 476 22.63 -2.46 2.59
CA GLU A 476 23.42 -1.94 3.69
C GLU A 476 22.92 -0.57 4.13
N HIS A 477 22.38 0.20 3.21
CA HIS A 477 21.87 1.54 3.48
C HIS A 477 20.39 1.55 3.12
N LYS A 478 19.56 1.44 4.15
CA LYS A 478 18.11 1.25 4.02
C LYS A 478 17.42 2.57 3.67
N PRO A 479 16.21 2.52 3.12
CA PRO A 479 15.43 3.74 3.00
C PRO A 479 14.94 4.23 4.36
N ARG A 480 14.58 5.51 4.40
CA ARG A 480 14.08 6.07 5.64
C ARG A 480 12.64 5.66 5.89
N LEU A 481 11.94 5.22 4.83
CA LEU A 481 10.53 4.88 4.92
C LEU A 481 10.16 4.00 3.73
N HIS A 482 9.05 3.29 3.88
CA HIS A 482 8.41 2.58 2.78
C HIS A 482 7.07 3.24 2.51
N ILE A 483 6.77 3.51 1.24
CA ILE A 483 5.50 4.17 0.93
C ILE A 483 4.40 3.15 0.73
N THR A 484 4.71 1.86 0.84
CA THR A 484 3.68 0.83 0.71
C THR A 484 3.09 0.45 2.06
N ALA A 485 3.86 0.64 3.14
CA ALA A 485 3.42 0.21 4.45
C ALA A 485 3.96 1.14 5.53
N PRO A 486 3.15 1.48 6.54
CA PRO A 486 3.65 2.40 7.59
C PRO A 486 4.51 1.71 8.63
N PHE A 487 4.43 0.40 8.75
CA PHE A 487 5.12 -0.34 9.81
C PHE A 487 6.14 -1.28 9.17
N VAL A 488 7.33 -0.77 8.88
CA VAL A 488 8.38 -1.60 8.33
C VAL A 488 9.03 -2.34 9.49
N CYS A 489 9.01 -3.68 9.41
CA CYS A 489 9.55 -4.51 10.49
C CYS A 489 11.06 -4.38 10.54
N LYS A 490 11.58 -4.00 11.71
CA LYS A 490 13.01 -3.75 11.85
C LYS A 490 13.82 -5.03 11.82
N ASN A 491 13.40 -6.05 12.55
CA ASN A 491 14.21 -7.26 12.71
C ASN A 491 13.92 -8.30 11.64
N ASN A 492 12.69 -8.79 11.58
CA ASN A 492 12.25 -9.79 10.62
C ASN A 492 10.78 -9.54 10.34
N ALA A 493 10.38 -9.68 9.08
CA ALA A 493 8.97 -9.67 8.75
C ALA A 493 8.30 -10.92 9.31
N PRO A 494 6.99 -10.88 9.56
CA PRO A 494 6.29 -12.11 9.94
C PRO A 494 6.32 -13.11 8.80
N GLY A 495 6.42 -14.39 9.16
CA GLY A 495 6.58 -15.41 8.14
C GLY A 495 5.32 -15.59 7.32
N GLN A 496 5.47 -15.44 6.01
CA GLN A 496 4.32 -15.58 5.12
C GLN A 496 3.90 -17.03 5.01
N MET A 497 2.58 -17.23 4.96
CA MET A 497 1.98 -18.55 5.03
C MET A 497 1.67 -19.03 3.62
N LEU A 498 2.08 -20.27 3.33
CA LEU A 498 1.93 -20.86 2.02
C LEU A 498 1.14 -22.14 2.15
N VAL A 499 0.07 -22.25 1.39
CA VAL A 499 -0.79 -23.42 1.42
C VAL A 499 -0.89 -23.98 0.01
N ARG A 500 -1.07 -25.30 -0.08
CA ARG A 500 -1.40 -25.94 -1.33
C ARG A 500 -2.12 -27.24 -1.02
N LEU A 501 -2.69 -27.85 -2.05
CA LEU A 501 -3.34 -29.13 -1.86
C LEU A 501 -2.38 -30.25 -2.21
N GLY A 502 -2.38 -31.31 -1.40
CA GLY A 502 -1.60 -32.48 -1.68
C GLY A 502 -2.07 -33.15 -2.94
N PRO A 503 -1.15 -33.74 -3.71
CA PRO A 503 -1.52 -34.31 -5.00
C PRO A 503 -2.30 -35.61 -4.84
N ASN A 504 -3.50 -35.63 -5.40
CA ASN A 504 -4.33 -36.82 -5.47
C ASN A 504 -4.16 -37.44 -6.86
N LEU A 505 -3.68 -38.66 -6.90
CA LEU A 505 -3.35 -39.32 -8.15
C LEU A 505 -4.37 -40.40 -8.47
N THR A 506 -4.55 -40.66 -9.76
CA THR A 506 -5.32 -41.81 -10.19
C THR A 506 -4.47 -43.08 -10.10
N ASP A 507 -5.03 -44.19 -10.56
CA ASP A 507 -4.29 -45.45 -10.55
C ASP A 507 -3.21 -45.45 -11.62
N GLN A 508 -3.44 -44.76 -12.72
CA GLN A 508 -2.43 -44.65 -13.77
C GLN A 508 -1.51 -43.49 -13.47
N TYR A 509 -0.23 -43.79 -13.23
CA TYR A 509 0.75 -42.74 -12.98
C TYR A 509 2.10 -43.19 -13.52
N ASP A 510 2.51 -42.59 -14.64
CA ASP A 510 3.85 -42.77 -15.16
C ASP A 510 4.69 -41.57 -14.78
N PRO A 511 5.77 -41.73 -14.01
CA PRO A 511 6.58 -40.56 -13.65
C PRO A 511 7.40 -40.02 -14.80
N ASN A 512 7.80 -40.87 -15.72
CA ASN A 512 8.54 -40.46 -16.92
C ASN A 512 7.62 -40.08 -18.07
N GLY A 513 6.32 -39.99 -17.83
CA GLY A 513 5.36 -39.51 -18.82
C GLY A 513 4.65 -38.29 -18.29
N ALA A 514 4.64 -37.22 -19.09
CA ALA A 514 4.09 -35.93 -18.68
C ALA A 514 2.59 -35.91 -18.94
N THR A 515 1.86 -36.66 -18.12
CA THR A 515 0.40 -36.70 -18.25
C THR A 515 -0.28 -36.10 -17.03
N LEU A 516 0.00 -36.65 -15.84
CA LEU A 516 -0.54 -36.17 -14.55
C LEU A 516 -2.07 -36.14 -14.52
N SER A 517 -2.68 -37.33 -14.48
CA SER A 517 -4.13 -37.47 -14.55
C SER A 517 -4.85 -36.70 -13.44
N ARG A 518 -4.43 -36.90 -12.17
CA ARG A 518 -4.69 -35.96 -11.08
C ARG A 518 -6.16 -35.69 -10.76
N ILE A 519 -6.82 -36.60 -9.99
CA ILE A 519 -8.20 -36.48 -9.50
C ILE A 519 -8.50 -35.07 -9.03
N VAL A 520 -9.61 -34.52 -9.53
CA VAL A 520 -9.95 -33.11 -9.34
C VAL A 520 -10.42 -32.88 -7.92
N THR A 521 -9.53 -32.35 -7.09
CA THR A 521 -9.86 -32.06 -5.70
C THR A 521 -9.82 -30.55 -5.45
N TYR A 522 -10.44 -30.16 -4.34
CA TYR A 522 -10.35 -28.80 -3.82
C TYR A 522 -10.51 -28.90 -2.31
N GLY A 523 -10.37 -27.77 -1.65
CA GLY A 523 -10.54 -27.75 -0.21
C GLY A 523 -10.96 -26.38 0.27
N THR A 524 -11.60 -26.37 1.43
CA THR A 524 -11.89 -25.15 2.17
C THR A 524 -11.33 -25.32 3.58
N PHE A 525 -10.74 -24.27 4.12
CA PHE A 525 -10.28 -24.29 5.50
C PHE A 525 -10.62 -22.96 6.16
N PHE A 526 -10.46 -22.93 7.48
CA PHE A 526 -10.74 -21.73 8.26
C PHE A 526 -9.42 -21.13 8.73
N TRP A 527 -9.27 -19.83 8.55
CA TRP A 527 -8.09 -19.11 9.00
C TRP A 527 -8.50 -18.14 10.10
N LYS A 528 -7.80 -18.19 11.23
CA LYS A 528 -8.03 -17.26 12.33
C LYS A 528 -6.72 -16.60 12.69
N GLY A 529 -6.74 -15.28 12.76
CA GLY A 529 -5.55 -14.52 13.11
C GLY A 529 -5.90 -13.48 14.16
N LYS A 530 -4.89 -13.12 14.95
CA LYS A 530 -5.02 -12.12 16.01
C LYS A 530 -3.88 -11.12 15.87
N LEU A 531 -4.24 -9.87 15.57
CA LEU A 531 -3.28 -8.78 15.48
C LEU A 531 -3.46 -7.88 16.70
N THR A 532 -2.44 -7.80 17.53
CA THR A 532 -2.46 -6.95 18.72
C THR A 532 -1.83 -5.61 18.38
N MET A 533 -2.47 -4.53 18.81
CA MET A 533 -1.98 -3.19 18.58
C MET A 533 -2.04 -2.40 19.87
N ARG A 534 -1.18 -1.40 19.98
CA ARG A 534 -1.15 -0.53 21.14
C ARG A 534 -1.32 0.90 20.66
N ALA A 535 -2.25 1.62 21.27
CA ALA A 535 -2.54 2.99 20.89
C ALA A 535 -2.56 3.87 22.12
N LYS A 536 -2.53 5.18 21.92
CA LYS A 536 -2.61 6.15 23.00
C LYS A 536 -3.84 7.02 22.79
N LEU A 537 -4.49 7.42 23.88
CA LEU A 537 -5.68 8.24 23.73
C LEU A 537 -5.30 9.68 23.37
N ARG A 538 -6.22 10.35 22.70
CA ARG A 538 -6.01 11.72 22.24
C ARG A 538 -6.14 12.70 23.41
N ALA A 539 -5.38 13.79 23.33
CA ALA A 539 -5.43 14.86 24.31
C ALA A 539 -6.04 16.10 23.65
N ASN A 540 -6.94 16.76 24.36
CA ASN A 540 -7.64 17.94 23.87
C ASN A 540 -7.03 19.19 24.47
N THR A 541 -6.27 19.93 23.67
CA THR A 541 -5.70 21.19 24.09
C THR A 541 -6.34 22.41 23.44
N THR A 542 -6.91 22.26 22.25
CA THR A 542 -7.44 23.41 21.52
C THR A 542 -8.80 23.81 22.05
N TRP A 543 -9.13 25.08 21.91
CA TRP A 543 -10.42 25.59 22.35
C TRP A 543 -11.53 25.16 21.41
N ASN A 544 -11.30 25.25 20.11
CA ASN A 544 -12.34 25.00 19.13
C ASN A 544 -12.59 23.51 18.96
N PRO A 545 -13.78 23.12 18.48
CA PRO A 545 -14.01 21.72 18.16
C PRO A 545 -13.18 21.26 16.98
N VAL A 546 -12.46 20.16 17.18
CA VAL A 546 -11.54 19.68 16.17
C VAL A 546 -12.27 18.76 15.20
N TYR A 547 -11.63 18.49 14.07
CA TYR A 547 -12.21 17.69 12.99
C TYR A 547 -12.43 16.25 13.42
N GLN A 548 -13.57 15.69 13.02
CA GLN A 548 -13.92 14.32 13.34
C GLN A 548 -14.54 13.66 12.12
N VAL A 549 -14.37 12.35 12.01
CA VAL A 549 -14.93 11.58 10.91
C VAL A 549 -16.34 11.12 11.27
N SER A 550 -17.33 11.91 10.89
CA SER A 550 -18.71 11.55 11.20
C SER A 550 -19.41 11.02 9.96
N ALA A 551 -20.32 10.08 10.18
CA ALA A 551 -21.08 9.46 9.09
C ALA A 551 -22.31 10.29 8.80
N GLU A 552 -22.44 10.76 7.56
CA GLU A 552 -23.50 11.67 7.20
C GLU A 552 -24.72 10.90 6.67
N ASP A 553 -25.78 11.65 6.39
CA ASP A 553 -27.02 11.07 5.90
C ASP A 553 -26.89 10.71 4.43
N ASN A 554 -27.93 10.03 3.92
CA ASN A 554 -27.97 9.61 2.52
C ASN A 554 -28.01 10.82 1.60
N GLY A 555 -27.00 10.92 0.74
CA GLY A 555 -26.94 12.01 -0.22
C GLY A 555 -25.76 11.83 -1.15
N ASN A 556 -25.30 12.95 -1.69
CA ASN A 556 -24.14 12.96 -2.57
C ASN A 556 -22.82 13.15 -1.82
N SER A 557 -22.86 13.15 -0.48
CA SER A 557 -21.64 13.33 0.29
C SER A 557 -20.79 12.06 0.24
N TYR A 558 -19.51 12.22 0.60
CA TYR A 558 -18.60 11.08 0.54
C TYR A 558 -18.84 10.11 1.68
N MET A 559 -19.29 10.62 2.82
CA MET A 559 -19.48 9.81 4.02
C MET A 559 -20.94 9.53 4.33
N SER A 560 -21.77 9.29 3.30
CA SER A 560 -23.13 8.86 3.54
C SER A 560 -23.13 7.45 4.12
N VAL A 561 -24.13 7.15 4.94
CA VAL A 561 -24.16 5.85 5.62
C VAL A 561 -24.51 4.72 4.66
N THR A 562 -25.18 5.02 3.55
CA THR A 562 -25.66 3.98 2.64
C THR A 562 -24.54 3.26 1.90
N LYS A 563 -23.31 3.80 1.94
CA LYS A 563 -22.17 3.04 1.45
C LYS A 563 -21.83 1.90 2.41
N TRP A 564 -21.87 2.17 3.71
CA TRP A 564 -21.48 1.18 4.71
C TRP A 564 -22.64 0.33 5.18
N LEU A 565 -23.74 0.30 4.45
CA LEU A 565 -24.91 -0.52 4.72
C LEU A 565 -25.23 -1.38 3.51
N PRO A 566 -25.65 -2.62 3.70
CA PRO A 566 -25.98 -3.47 2.56
C PRO A 566 -27.28 -3.05 1.90
N THR A 567 -27.37 -3.31 0.60
CA THR A 567 -28.54 -2.94 -0.19
C THR A 567 -29.63 -4.00 0.00
N ALA A 568 -30.63 -3.96 -0.88
CA ALA A 568 -31.76 -4.90 -0.77
C ALA A 568 -31.33 -6.32 -1.09
N THR A 569 -30.32 -6.49 -1.94
CA THR A 569 -29.76 -7.79 -2.24
C THR A 569 -28.46 -8.06 -1.51
N GLY A 570 -28.06 -7.17 -0.60
CA GLY A 570 -26.87 -7.41 0.19
C GLY A 570 -25.57 -7.14 -0.53
N ASN A 571 -25.43 -5.95 -1.13
CA ASN A 571 -24.24 -5.59 -1.89
C ASN A 571 -23.43 -4.58 -1.09
N MET A 572 -22.52 -5.07 -0.26
CA MET A 572 -21.71 -4.20 0.58
C MET A 572 -20.62 -3.52 -0.24
N GLN A 573 -20.02 -2.49 0.38
CA GLN A 573 -19.04 -1.64 -0.28
C GLN A 573 -18.18 -0.98 0.78
N SER A 574 -16.87 -0.97 0.55
CA SER A 574 -15.93 -0.31 1.45
C SER A 574 -15.11 0.72 0.69
N VAL A 575 -15.42 1.99 0.93
CA VAL A 575 -14.63 3.11 0.40
C VAL A 575 -13.68 3.51 1.52
N PRO A 576 -12.53 4.15 1.24
CA PRO A 576 -11.57 4.43 2.31
C PRO A 576 -12.04 5.52 3.25
N LEU A 577 -11.48 5.49 4.47
CA LEU A 577 -11.77 6.49 5.49
C LEU A 577 -10.53 7.33 5.74
N ILE A 578 -10.75 8.53 6.28
CA ILE A 578 -9.64 9.40 6.63
C ILE A 578 -8.93 8.83 7.86
N THR A 579 -7.60 8.71 7.78
CA THR A 579 -6.85 8.14 8.88
C THR A 579 -6.52 9.19 9.93
N ARG A 580 -6.27 10.43 9.51
CA ARG A 580 -5.76 11.48 10.39
C ARG A 580 -6.72 12.65 10.39
N PRO A 581 -7.81 12.60 11.15
CA PRO A 581 -8.74 13.73 11.19
C PRO A 581 -8.23 14.90 12.03
N VAL A 582 -7.64 14.62 13.19
CA VAL A 582 -7.29 15.62 14.18
C VAL A 582 -5.94 16.23 13.81
N ALA A 583 -5.90 17.55 13.69
CA ALA A 583 -4.65 18.21 13.40
C ALA A 583 -3.77 18.26 14.64
N ARG A 584 -2.45 18.32 14.41
CA ARG A 584 -1.49 18.45 15.49
C ARG A 584 -0.50 19.55 15.14
N ASN A 585 0.22 20.00 16.16
CA ASN A 585 1.20 21.07 15.99
C ASN A 585 2.56 20.47 15.68
N THR A 586 3.15 20.90 14.56
CA THR A 586 4.49 20.43 14.21
C THR A 586 5.55 21.04 15.12
N TYR A 587 5.61 22.36 15.19
CA TYR A 587 6.66 23.06 15.91
C TYR A 587 6.10 24.29 16.59
#